data_3OXP
#
_entry.id   3OXP
#
_cell.length_a   56.906
_cell.length_b   57.946
_cell.length_c   78.742
_cell.angle_alpha   90.00
_cell.angle_beta   90.00
_cell.angle_gamma   90.00
#
_symmetry.space_group_name_H-M   'P 21 21 21'
#
loop_
_entity.id
_entity.type
_entity.pdbx_description
1 polymer 'Phosphotransferase enzyme II, A component'
2 non-polymer 'SULFATE ION'
3 non-polymer GLYCEROL
4 water water
#
_entity_poly.entity_id   1
_entity_poly.type   'polypeptide(L)'
_entity_poly.pdbx_seq_one_letter_code
;NSA(MSE)LKTLLTSDVIQVVSQAKDWRDAIAISCQPLIDNGAVEARYVEAIYRSHEAIGPYYVVGPGIA(MSE)PHARP
EDGVNRLSLALTVITEGVTFNAEGNDPVKLLIVLAATDSNSHIEAISQLAQLFDTASDVQALLNAKTPQDILSVIARY
;
_entity_poly.pdbx_strand_id   A,B
#
loop_
_chem_comp.id
_chem_comp.type
_chem_comp.name
_chem_comp.formula
GOL non-polymer GLYCEROL 'C3 H8 O3'
SO4 non-polymer 'SULFATE ION' 'O4 S -2'
#
# COMPACT_ATOMS: atom_id res chain seq x y z
N ALA A 3 -0.73 -15.65 10.14
CA ALA A 3 -1.45 -16.63 9.22
C ALA A 3 -2.45 -16.05 8.18
N MSE A 4 -2.37 -14.77 7.86
CA MSE A 4 -3.29 -14.15 6.95
C MSE A 4 -3.36 -14.84 5.63
O MSE A 4 -4.46 -15.16 5.17
CB MSE A 4 -3.07 -12.66 6.78
CG MSE A 4 -4.06 -11.98 5.77
SE MSE A 4 -3.78 -10.14 5.54
CE MSE A 4 -4.37 -9.87 3.69
N LEU A 5 -2.22 -15.09 5.01
CA LEU A 5 -2.26 -15.62 3.66
C LEU A 5 -2.89 -17.01 3.64
N LYS A 6 -2.57 -17.84 4.62
CA LYS A 6 -3.10 -19.20 4.63
C LYS A 6 -4.60 -19.20 4.97
N THR A 7 -5.03 -18.20 5.72
CA THR A 7 -6.43 -18.05 6.03
C THR A 7 -7.24 -17.57 4.84
N LEU A 8 -6.71 -16.55 4.16
CA LEU A 8 -7.46 -15.93 3.07
C LEU A 8 -7.36 -16.66 1.76
N LEU A 9 -6.22 -17.25 1.44
CA LEU A 9 -6.03 -17.86 0.13
C LEU A 9 -6.37 -19.34 0.20
N THR A 10 -7.66 -19.61 0.16
CA THR A 10 -8.24 -20.94 0.18
C THR A 10 -8.67 -21.34 -1.22
N SER A 11 -9.22 -22.56 -1.35
CA SER A 11 -9.49 -23.11 -2.64
C SER A 11 -10.36 -22.25 -3.52
N ASP A 12 -11.31 -21.57 -2.92
CA ASP A 12 -12.31 -20.80 -3.60
C ASP A 12 -11.79 -19.53 -4.28
N VAL A 13 -10.58 -19.06 -3.92
CA VAL A 13 -10.05 -17.80 -4.46
C VAL A 13 -8.69 -17.98 -5.13
N ILE A 14 -8.34 -19.22 -5.48
CA ILE A 14 -7.09 -19.51 -6.20
C ILE A 14 -7.47 -20.20 -7.54
N GLN A 15 -6.73 -19.89 -8.59
CA GLN A 15 -7.03 -20.36 -10.00
C GLN A 15 -5.69 -20.57 -10.70
N VAL A 16 -5.63 -21.63 -11.50
CA VAL A 16 -4.61 -21.78 -12.54
C VAL A 16 -5.36 -21.89 -13.86
N VAL A 17 -4.97 -21.05 -14.81
CA VAL A 17 -5.43 -21.10 -16.17
C VAL A 17 -4.23 -21.09 -17.09
N SER A 18 -4.41 -21.53 -18.33
CA SER A 18 -3.28 -21.56 -19.28
C SER A 18 -3.06 -20.17 -19.87
N GLN A 19 -4.11 -19.42 -20.18
CA GLN A 19 -3.97 -18.19 -20.99
C GLN A 19 -5.02 -17.15 -20.62
N ALA A 20 -4.75 -15.90 -20.97
CA ALA A 20 -5.81 -14.89 -21.03
C ALA A 20 -5.78 -14.19 -22.41
N LYS A 21 -6.81 -13.44 -22.76
CA LYS A 21 -6.76 -12.72 -24.05
C LYS A 21 -5.61 -11.68 -24.09
N ASP A 22 -5.37 -10.96 -22.98
CA ASP A 22 -4.50 -9.80 -22.90
C ASP A 22 -4.49 -9.43 -21.40
N TRP A 23 -3.75 -8.39 -21.05
CA TRP A 23 -3.67 -7.95 -19.66
C TRP A 23 -5.04 -7.68 -19.05
N ARG A 24 -5.94 -7.05 -19.80
CA ARG A 24 -7.25 -6.73 -19.25
C ARG A 24 -7.97 -8.00 -18.85
N ASP A 25 -7.90 -8.99 -19.71
CA ASP A 25 -8.57 -10.22 -19.45
C ASP A 25 -7.89 -10.97 -18.27
N ALA A 26 -6.57 -10.86 -18.18
CA ALA A 26 -5.87 -11.43 -17.02
C ALA A 26 -6.31 -10.80 -15.69
N ILE A 27 -6.46 -9.47 -15.68
N ILE A 27 -6.47 -9.49 -15.66
CA ILE A 27 -7.00 -8.74 -14.54
CA ILE A 27 -6.98 -8.89 -14.46
C ILE A 27 -8.41 -9.23 -14.21
C ILE A 27 -8.38 -9.39 -14.20
N ALA A 28 -9.24 -9.42 -15.22
CA ALA A 28 -10.63 -9.87 -15.04
C ALA A 28 -10.66 -11.26 -14.39
N ILE A 29 -9.90 -12.20 -14.95
CA ILE A 29 -9.86 -13.56 -14.41
C ILE A 29 -9.43 -13.54 -12.95
N SER A 30 -8.38 -12.77 -12.69
N SER A 30 -8.36 -12.79 -12.67
CA SER A 30 -7.75 -12.70 -11.39
CA SER A 30 -7.78 -12.76 -11.33
C SER A 30 -8.66 -12.09 -10.29
C SER A 30 -8.72 -12.14 -10.28
N CYS A 31 -9.54 -11.17 -10.68
CA CYS A 31 -10.42 -10.52 -9.74
C CYS A 31 -11.78 -11.23 -9.61
N GLN A 32 -12.15 -12.08 -10.56
CA GLN A 32 -13.51 -12.61 -10.61
C GLN A 32 -13.95 -13.30 -9.30
N PRO A 33 -13.07 -14.08 -8.64
CA PRO A 33 -13.54 -14.70 -7.40
C PRO A 33 -13.97 -13.71 -6.36
N LEU A 34 -13.36 -12.53 -6.30
CA LEU A 34 -13.71 -11.52 -5.35
C LEU A 34 -14.96 -10.75 -5.72
N ILE A 35 -15.28 -10.67 -7.01
CA ILE A 35 -16.59 -10.18 -7.42
C ILE A 35 -17.64 -11.22 -7.06
N ASP A 36 -17.38 -12.46 -7.39
CA ASP A 36 -18.35 -13.52 -7.11
C ASP A 36 -18.72 -13.58 -5.65
N ASN A 37 -17.75 -13.49 -4.75
CA ASN A 37 -18.08 -13.65 -3.33
C ASN A 37 -18.48 -12.39 -2.63
N GLY A 38 -18.54 -11.26 -3.37
CA GLY A 38 -18.97 -10.01 -2.80
C GLY A 38 -17.93 -9.20 -2.10
N ALA A 39 -16.68 -9.68 -2.09
CA ALA A 39 -15.62 -8.93 -1.42
C ALA A 39 -15.34 -7.59 -2.10
N VAL A 40 -15.45 -7.55 -3.42
CA VAL A 40 -15.37 -6.34 -4.17
C VAL A 40 -16.55 -6.24 -5.14
N GLU A 41 -16.84 -5.01 -5.54
CA GLU A 41 -17.77 -4.72 -6.64
C GLU A 41 -17.12 -4.96 -7.99
N ALA A 42 -17.93 -5.26 -9.00
CA ALA A 42 -17.44 -5.45 -10.36
C ALA A 42 -16.60 -4.30 -10.87
N ARG A 43 -16.94 -3.10 -10.47
CA ARG A 43 -16.25 -1.89 -10.93
C ARG A 43 -14.82 -1.81 -10.40
N TYR A 44 -14.41 -2.62 -9.40
CA TYR A 44 -13.06 -2.61 -8.95
C TYR A 44 -12.14 -2.93 -10.12
N VAL A 45 -12.53 -3.85 -11.01
CA VAL A 45 -11.77 -4.21 -12.19
C VAL A 45 -11.63 -3.04 -13.15
N GLU A 46 -12.72 -2.32 -13.38
CA GLU A 46 -12.66 -1.13 -14.22
C GLU A 46 -11.72 -0.06 -13.64
N ALA A 47 -11.68 0.06 -12.30
CA ALA A 47 -10.76 1.02 -11.67
C ALA A 47 -9.31 0.63 -11.96
N ILE A 48 -9.00 -0.67 -11.86
CA ILE A 48 -7.65 -1.12 -12.17
C ILE A 48 -7.32 -0.78 -13.63
N TYR A 49 -8.24 -1.06 -14.56
CA TYR A 49 -8.00 -0.72 -15.96
C TYR A 49 -7.69 0.76 -16.10
N ARG A 50 -8.45 1.63 -15.46
CA ARG A 50 -8.27 3.07 -15.64
C ARG A 50 -6.94 3.51 -15.08
N SER A 51 -6.51 2.94 -13.95
CA SER A 51 -5.16 3.33 -13.44
C SER A 51 -4.08 2.97 -14.43
N HIS A 52 -4.17 1.77 -14.97
CA HIS A 52 -3.19 1.30 -15.98
C HIS A 52 -3.24 2.21 -17.20
N GLU A 53 -4.45 2.56 -17.64
CA GLU A 53 -4.56 3.50 -18.74
C GLU A 53 -3.92 4.86 -18.44
N ALA A 54 -3.97 5.31 -17.18
CA ALA A 54 -3.45 6.62 -16.81
C ALA A 54 -1.92 6.62 -16.73
N ILE A 55 -1.32 5.60 -16.11
CA ILE A 55 0.08 5.64 -15.81
C ILE A 55 0.84 4.36 -16.12
N GLY A 56 0.19 3.35 -16.66
CA GLY A 56 0.89 2.11 -16.96
C GLY A 56 0.76 1.10 -15.84
N PRO A 57 1.41 -0.03 -16.02
CA PRO A 57 1.29 -1.15 -15.07
C PRO A 57 2.12 -1.00 -13.79
N TYR A 58 1.79 0.01 -13.03
CA TYR A 58 2.54 0.36 -11.83
C TYR A 58 2.49 -0.78 -10.79
N TYR A 59 1.45 -1.62 -10.86
CA TYR A 59 1.20 -2.69 -9.93
C TYR A 59 1.92 -3.99 -10.31
N VAL A 60 2.66 -4.01 -11.41
CA VAL A 60 3.58 -5.09 -11.67
C VAL A 60 4.82 -4.90 -10.78
N VAL A 61 5.08 -5.89 -9.91
CA VAL A 61 6.02 -5.76 -8.84
C VAL A 61 7.46 -6.06 -9.29
N GLY A 62 7.61 -7.04 -10.16
CA GLY A 62 8.93 -7.45 -10.64
C GLY A 62 8.69 -8.56 -11.64
N PRO A 63 9.78 -9.20 -12.11
CA PRO A 63 9.65 -10.15 -13.19
C PRO A 63 8.66 -11.24 -12.90
N GLY A 64 7.61 -11.34 -13.71
CA GLY A 64 6.59 -12.34 -13.54
C GLY A 64 5.44 -12.08 -12.58
N ILE A 65 5.46 -10.95 -11.84
CA ILE A 65 4.58 -10.80 -10.70
C ILE A 65 3.79 -9.52 -10.73
N ALA A 66 2.45 -9.65 -10.56
CA ALA A 66 1.60 -8.48 -10.48
C ALA A 66 0.76 -8.54 -9.20
N MSE A 67 0.46 -7.36 -8.65
CA MSE A 67 -0.40 -7.24 -7.51
C MSE A 67 -1.49 -6.21 -7.79
O MSE A 67 -1.46 -5.09 -7.32
CB MSE A 67 0.41 -6.84 -6.28
CG MSE A 67 -0.40 -6.88 -4.97
SE MSE A 67 0.51 -6.16 -3.43
CE MSE A 67 0.46 -4.23 -3.98
N PRO A 68 -2.46 -6.58 -8.62
CA PRO A 68 -3.50 -5.62 -8.96
C PRO A 68 -4.34 -5.24 -7.73
N HIS A 69 -4.63 -3.95 -7.65
CA HIS A 69 -5.42 -3.40 -6.57
C HIS A 69 -5.89 -1.99 -6.97
N ALA A 70 -6.80 -1.44 -6.18
CA ALA A 70 -7.24 -0.06 -6.31
C ALA A 70 -7.64 0.40 -4.91
N ARG A 71 -8.24 1.61 -4.85
CA ARG A 71 -8.56 2.19 -3.58
C ARG A 71 -9.76 1.51 -2.92
N PRO A 72 -9.92 1.64 -1.60
CA PRO A 72 -11.19 1.24 -0.96
C PRO A 72 -12.42 1.77 -1.72
N GLU A 73 -12.39 3.07 -2.08
CA GLU A 73 -13.56 3.70 -2.73
C GLU A 73 -13.83 3.23 -4.13
N ASP A 74 -12.91 2.43 -4.70
CA ASP A 74 -13.09 1.90 -6.02
C ASP A 74 -13.84 0.59 -6.03
N GLY A 75 -14.43 0.23 -4.89
CA GLY A 75 -15.34 -0.91 -4.82
C GLY A 75 -14.99 -2.02 -3.83
N VAL A 76 -14.22 -1.74 -2.79
CA VAL A 76 -13.90 -2.81 -1.83
C VAL A 76 -14.94 -2.86 -0.73
N ASN A 77 -15.42 -4.08 -0.50
CA ASN A 77 -16.35 -4.38 0.60
C ASN A 77 -15.67 -5.02 1.83
N ARG A 78 -14.70 -5.90 1.60
CA ARG A 78 -14.01 -6.56 2.69
C ARG A 78 -12.60 -7.00 2.33
N LEU A 79 -11.70 -6.90 3.29
CA LEU A 79 -10.31 -7.32 3.10
C LEU A 79 -10.30 -8.69 2.39
N SER A 80 -9.55 -8.76 1.31
CA SER A 80 -9.58 -9.96 0.49
C SER A 80 -8.33 -10.07 -0.38
N LEU A 81 -8.00 -11.31 -0.72
CA LEU A 81 -6.92 -11.67 -1.66
C LEU A 81 -7.44 -12.75 -2.59
N ALA A 82 -6.87 -12.75 -3.77
CA ALA A 82 -7.09 -13.83 -4.71
C ALA A 82 -5.80 -14.06 -5.46
N LEU A 83 -5.51 -15.31 -5.81
CA LEU A 83 -4.23 -15.65 -6.43
C LEU A 83 -4.49 -16.45 -7.70
N THR A 84 -3.93 -15.97 -8.81
CA THR A 84 -4.05 -16.61 -10.10
C THR A 84 -2.67 -16.82 -10.69
N VAL A 85 -2.47 -18.01 -11.25
CA VAL A 85 -1.32 -18.28 -12.09
C VAL A 85 -1.84 -18.54 -13.53
N ILE A 86 -1.30 -17.77 -14.47
CA ILE A 86 -1.56 -17.90 -15.91
C ILE A 86 -0.31 -18.50 -16.56
N THR A 87 -0.39 -19.80 -16.83
CA THR A 87 0.84 -20.55 -17.06
C THR A 87 1.58 -20.13 -18.33
N GLU A 88 0.89 -19.71 -19.38
CA GLU A 88 1.59 -19.22 -20.58
C GLU A 88 2.10 -17.78 -20.49
N GLY A 89 1.72 -17.05 -19.44
CA GLY A 89 2.08 -15.66 -19.23
C GLY A 89 1.29 -14.72 -20.09
N VAL A 90 1.38 -13.48 -19.67
CA VAL A 90 0.63 -12.41 -20.28
C VAL A 90 1.51 -11.15 -20.28
N THR A 91 1.44 -10.41 -21.37
CA THR A 91 2.12 -9.13 -21.50
C THR A 91 1.29 -8.05 -20.83
N PHE A 92 1.90 -7.35 -19.88
CA PHE A 92 1.30 -6.17 -19.25
C PHE A 92 1.89 -4.86 -19.75
N ASN A 93 2.79 -4.94 -20.75
CA ASN A 93 3.57 -3.76 -21.19
C ASN A 93 4.34 -3.14 -20.04
N ALA A 94 4.97 -4.04 -19.29
CA ALA A 94 5.72 -3.72 -18.08
C ALA A 94 7.21 -3.86 -18.27
N GLU A 95 7.67 -3.50 -19.47
CA GLU A 95 9.07 -3.45 -19.79
C GLU A 95 9.71 -4.78 -19.45
N GLY A 96 10.82 -4.78 -18.74
CA GLY A 96 11.53 -6.02 -18.49
C GLY A 96 10.83 -6.99 -17.55
N ASN A 97 9.75 -6.55 -16.88
CA ASN A 97 9.05 -7.41 -15.93
C ASN A 97 8.11 -8.41 -16.59
N ASP A 98 7.77 -8.20 -17.87
CA ASP A 98 6.99 -9.14 -18.62
C ASP A 98 7.85 -10.32 -18.97
N PRO A 99 7.22 -11.47 -19.18
CA PRO A 99 5.80 -11.79 -19.02
C PRO A 99 5.39 -11.93 -17.54
N VAL A 100 4.13 -11.57 -17.25
CA VAL A 100 3.51 -11.77 -15.91
C VAL A 100 2.83 -13.14 -15.85
N LYS A 101 3.15 -13.90 -14.82
CA LYS A 101 2.47 -15.22 -14.63
C LYS A 101 1.68 -15.31 -13.34
N LEU A 102 2.10 -14.61 -12.29
CA LEU A 102 1.47 -14.63 -11.00
C LEU A 102 0.79 -13.33 -10.68
N LEU A 103 -0.49 -13.41 -10.38
CA LEU A 103 -1.27 -12.25 -10.00
C LEU A 103 -1.84 -12.52 -8.61
N ILE A 104 -1.56 -11.63 -7.68
CA ILE A 104 -2.21 -11.62 -6.37
C ILE A 104 -2.99 -10.32 -6.28
N VAL A 105 -4.30 -10.45 -6.35
CA VAL A 105 -5.18 -9.29 -6.20
C VAL A 105 -5.35 -9.02 -4.72
N LEU A 106 -5.20 -7.76 -4.36
CA LEU A 106 -5.39 -7.24 -3.00
C LEU A 106 -6.57 -6.30 -3.01
N ALA A 107 -7.40 -6.39 -2.00
CA ALA A 107 -8.48 -5.44 -1.76
C ALA A 107 -8.56 -5.19 -0.26
N ALA A 108 -8.52 -3.95 0.17
CA ALA A 108 -8.63 -3.58 1.57
C ALA A 108 -9.53 -2.34 1.68
N THR A 109 -10.16 -2.19 2.85
CA THR A 109 -11.07 -1.07 3.11
C THR A 109 -10.43 0.06 3.88
N ASP A 110 -9.25 -0.17 4.46
CA ASP A 110 -8.59 0.84 5.28
C ASP A 110 -7.10 0.61 5.28
N SER A 111 -6.35 1.51 5.90
CA SER A 111 -4.90 1.39 5.85
C SER A 111 -4.34 0.40 6.87
N ASN A 112 -5.00 0.20 8.02
CA ASN A 112 -4.50 -0.81 8.96
C ASN A 112 -4.46 -2.18 8.30
N SER A 113 -5.55 -2.56 7.64
CA SER A 113 -5.60 -3.86 6.98
C SER A 113 -4.74 -3.91 5.75
N HIS A 114 -4.66 -2.83 4.99
CA HIS A 114 -3.75 -2.77 3.84
C HIS A 114 -2.32 -3.06 4.27
N ILE A 115 -1.87 -2.36 5.32
CA ILE A 115 -0.50 -2.50 5.80
C ILE A 115 -0.23 -3.93 6.25
N GLU A 116 -1.17 -4.51 6.98
CA GLU A 116 -0.98 -5.89 7.42
C GLU A 116 -0.85 -6.83 6.23
N ALA A 117 -1.76 -6.71 5.26
CA ALA A 117 -1.70 -7.58 4.10
C ALA A 117 -0.39 -7.37 3.34
N ILE A 118 0.01 -6.12 3.09
CA ILE A 118 1.23 -5.86 2.35
C ILE A 118 2.42 -6.44 3.08
N SER A 119 2.43 -6.32 4.41
CA SER A 119 3.55 -6.82 5.18
C SER A 119 3.70 -8.34 4.98
N GLN A 120 2.59 -9.06 4.90
CA GLN A 120 2.62 -10.49 4.64
C GLN A 120 3.00 -10.81 3.19
N LEU A 121 2.45 -10.11 2.23
CA LEU A 121 2.83 -10.31 0.86
C LEU A 121 4.30 -9.95 0.62
N ALA A 122 4.83 -8.95 1.33
CA ALA A 122 6.22 -8.61 1.17
C ALA A 122 7.11 -9.79 1.55
N GLN A 123 6.73 -10.49 2.60
CA GLN A 123 7.52 -11.64 3.02
C GLN A 123 7.48 -12.75 1.97
N LEU A 124 6.30 -13.02 1.41
CA LEU A 124 6.23 -13.98 0.31
C LEU A 124 7.10 -13.58 -0.85
N PHE A 125 6.94 -12.34 -1.28
CA PHE A 125 7.69 -11.87 -2.43
C PHE A 125 9.19 -11.81 -2.16
N ASP A 126 9.59 -11.70 -0.90
CA ASP A 126 11.01 -11.74 -0.53
C ASP A 126 11.53 -13.15 -0.30
N THR A 127 10.78 -14.18 -0.62
CA THR A 127 11.21 -15.58 -0.45
C THR A 127 11.29 -16.20 -1.84
N ALA A 128 12.47 -16.17 -2.45
CA ALA A 128 12.64 -16.57 -3.82
C ALA A 128 12.20 -18.02 -4.05
N SER A 129 12.41 -18.90 -3.06
CA SER A 129 12.02 -20.29 -3.22
C SER A 129 10.49 -20.45 -3.38
N ASP A 130 9.73 -19.63 -2.65
CA ASP A 130 8.28 -19.65 -2.75
C ASP A 130 7.75 -18.94 -3.98
N VAL A 131 8.39 -17.83 -4.38
CA VAL A 131 8.04 -17.18 -5.63
C VAL A 131 8.22 -18.14 -6.79
N GLN A 132 9.34 -18.85 -6.83
CA GLN A 132 9.57 -19.78 -7.93
C GLN A 132 8.51 -20.88 -7.92
N ALA A 133 8.18 -21.39 -6.75
CA ALA A 133 7.17 -22.44 -6.64
C ALA A 133 5.82 -21.96 -7.21
N LEU A 134 5.47 -20.70 -7.00
CA LEU A 134 4.22 -20.17 -7.55
C LEU A 134 4.31 -19.95 -9.07
N LEU A 135 5.43 -19.41 -9.54
CA LEU A 135 5.64 -19.23 -10.96
C LEU A 135 5.60 -20.58 -11.71
N ASN A 136 6.03 -21.68 -11.06
CA ASN A 136 6.07 -23.03 -11.61
C ASN A 136 4.72 -23.74 -11.44
N ALA A 137 3.78 -23.14 -10.69
CA ALA A 137 2.57 -23.87 -10.29
C ALA A 137 1.78 -24.30 -11.50
N LYS A 138 1.35 -25.54 -11.47
CA LYS A 138 0.45 -26.07 -12.48
C LYS A 138 -0.95 -26.42 -11.99
N THR A 139 -1.16 -26.53 -10.68
CA THR A 139 -2.46 -26.89 -10.14
C THR A 139 -2.75 -26.06 -8.87
N PRO A 140 -3.99 -26.07 -8.40
CA PRO A 140 -4.31 -25.40 -7.16
C PRO A 140 -3.64 -26.01 -5.98
N GLN A 141 -3.42 -27.32 -6.00
CA GLN A 141 -2.66 -27.93 -4.90
C GLN A 141 -1.24 -27.36 -4.79
N ASP A 142 -0.61 -27.13 -5.93
CA ASP A 142 0.75 -26.54 -5.95
C ASP A 142 0.73 -25.16 -5.23
N ILE A 143 -0.31 -24.38 -5.48
CA ILE A 143 -0.41 -23.06 -4.84
C ILE A 143 -0.61 -23.20 -3.34
N LEU A 144 -1.54 -24.07 -2.92
CA LEU A 144 -1.77 -24.20 -1.50
C LEU A 144 -0.56 -24.68 -0.71
N SER A 145 0.28 -25.48 -1.33
CA SER A 145 1.48 -25.95 -0.68
C SER A 145 2.43 -24.80 -0.38
N VAL A 146 2.53 -23.81 -1.25
CA VAL A 146 3.31 -22.65 -0.93
C VAL A 146 2.66 -21.81 0.17
N ILE A 147 1.37 -21.53 -0.01
CA ILE A 147 0.62 -20.68 0.90
C ILE A 147 0.60 -21.28 2.34
N ALA A 148 0.73 -22.59 2.43
CA ALA A 148 0.72 -23.27 3.73
C ALA A 148 1.88 -22.82 4.61
N ARG A 149 2.86 -22.15 4.02
CA ARG A 149 4.00 -21.65 4.78
C ARG A 149 3.83 -20.18 5.18
N TYR A 150 2.60 -19.68 5.05
CA TYR A 150 2.27 -18.30 5.39
C TYR A 150 1.02 -18.20 6.33
N ALA B 3 16.71 -0.48 4.46
CA ALA B 3 17.63 0.57 5.01
C ALA B 3 16.98 1.86 4.56
N MSE B 4 15.74 1.67 4.17
CA MSE B 4 15.03 2.62 3.40
C MSE B 4 14.63 3.84 4.24
O MSE B 4 14.91 4.97 3.81
CB MSE B 4 13.81 1.93 2.79
CG MSE B 4 12.84 2.85 2.11
SE MSE B 4 11.45 1.94 1.04
CE MSE B 4 12.68 1.56 -0.46
N LEU B 5 14.02 3.64 5.41
CA LEU B 5 13.51 4.78 6.14
C LEU B 5 14.60 5.79 6.45
N LYS B 6 15.77 5.30 6.83
CA LYS B 6 16.85 6.18 7.17
C LYS B 6 17.28 7.09 6.02
N THR B 7 17.23 6.54 4.82
CA THR B 7 17.55 7.27 3.60
C THR B 7 16.49 8.26 3.20
N LEU B 8 15.22 7.87 3.33
CA LEU B 8 14.11 8.71 2.91
C LEU B 8 13.79 9.82 3.91
N LEU B 9 13.82 9.53 5.19
CA LEU B 9 13.41 10.45 6.24
C LEU B 9 14.62 11.17 6.79
N THR B 10 15.12 12.12 6.00
CA THR B 10 16.16 13.02 6.44
C THR B 10 15.56 14.29 7.04
N SER B 11 16.41 15.12 7.61
CA SER B 11 15.92 16.26 8.39
C SER B 11 15.00 17.23 7.65
N ASP B 12 15.24 17.37 6.37
CA ASP B 12 14.45 18.23 5.53
C ASP B 12 12.97 17.86 5.37
N VAL B 13 12.60 16.59 5.65
CA VAL B 13 11.21 16.13 5.56
C VAL B 13 10.62 15.73 6.89
N ILE B 14 11.30 16.13 7.97
CA ILE B 14 10.86 15.90 9.36
C ILE B 14 10.46 17.22 10.01
N GLN B 15 9.23 17.25 10.54
N GLN B 15 9.34 17.23 10.69
CA GLN B 15 8.54 18.41 11.18
CA GLN B 15 8.96 18.42 11.37
C GLN B 15 8.19 18.04 12.65
C GLN B 15 8.21 18.08 12.64
N VAL B 16 8.43 18.94 13.61
CA VAL B 16 7.77 18.87 14.91
C VAL B 16 7.14 20.23 15.13
N VAL B 17 5.85 20.26 15.33
CA VAL B 17 5.17 21.51 15.51
C VAL B 17 4.37 21.33 16.75
N SER B 18 4.07 22.43 17.42
CA SER B 18 3.28 22.23 18.62
C SER B 18 1.81 22.03 18.32
N GLN B 19 1.26 22.81 17.40
CA GLN B 19 -0.18 22.86 17.21
C GLN B 19 -0.49 22.94 15.76
N ALA B 20 -1.46 22.11 15.37
CA ALA B 20 -2.04 22.24 14.09
C ALA B 20 -3.44 22.79 14.30
N LYS B 21 -3.83 23.56 13.33
CA LYS B 21 -5.15 24.15 13.34
C LYS B 21 -6.24 23.04 13.28
N ASP B 22 -5.97 22.02 12.47
CA ASP B 22 -6.92 20.99 12.20
C ASP B 22 -6.20 19.91 11.38
N TRP B 23 -6.95 18.89 10.99
CA TRP B 23 -6.40 17.77 10.23
C TRP B 23 -5.77 18.22 8.89
N ARG B 24 -6.40 19.21 8.25
CA ARG B 24 -5.92 19.66 6.95
C ARG B 24 -4.55 20.32 7.12
N ASP B 25 -4.41 21.15 8.16
CA ASP B 25 -3.12 21.76 8.46
C ASP B 25 -2.08 20.73 8.76
N ALA B 26 -2.46 19.69 9.55
CA ALA B 26 -1.50 18.62 9.87
C ALA B 26 -1.01 17.93 8.61
N ILE B 27 -1.90 17.61 7.69
CA ILE B 27 -1.48 17.00 6.46
C ILE B 27 -0.61 17.98 5.64
N ALA B 28 -1.02 19.22 5.54
CA ALA B 28 -0.25 20.20 4.77
C ALA B 28 1.18 20.40 5.29
N ILE B 29 1.32 20.48 6.60
CA ILE B 29 2.60 20.61 7.20
C ILE B 29 3.50 19.49 6.75
N SER B 30 2.95 18.31 6.78
CA SER B 30 3.73 17.14 6.40
C SER B 30 4.07 17.05 4.95
N CYS B 31 3.22 17.52 4.08
CA CYS B 31 3.45 17.40 2.65
C CYS B 31 4.19 18.56 2.03
N GLN B 32 4.24 19.72 2.66
CA GLN B 32 4.85 20.85 1.98
C GLN B 32 6.31 20.55 1.57
N PRO B 33 7.14 19.88 2.41
CA PRO B 33 8.51 19.65 1.93
C PRO B 33 8.56 18.80 0.65
N LEU B 34 7.63 17.85 0.49
CA LEU B 34 7.60 16.99 -0.69
C LEU B 34 7.10 17.72 -1.91
N ILE B 35 6.23 18.71 -1.73
CA ILE B 35 5.84 19.54 -2.88
C ILE B 35 7.07 20.41 -3.23
N ASP B 36 7.71 20.97 -2.22
CA ASP B 36 8.79 21.91 -2.47
C ASP B 36 9.98 21.26 -3.15
N ASN B 37 10.30 20.02 -2.79
CA ASN B 37 11.45 19.34 -3.37
C ASN B 37 11.13 18.56 -4.64
N GLY B 38 9.88 18.67 -5.10
CA GLY B 38 9.47 18.03 -6.32
C GLY B 38 9.11 16.56 -6.22
N ALA B 39 9.19 15.97 -5.03
CA ALA B 39 8.85 14.57 -4.90
C ALA B 39 7.40 14.25 -5.26
N VAL B 40 6.50 15.17 -4.94
CA VAL B 40 5.08 15.05 -5.32
C VAL B 40 4.63 16.38 -5.92
N GLU B 41 3.65 16.33 -6.79
CA GLU B 41 2.93 17.50 -7.25
C GLU B 41 1.95 17.98 -6.17
N ALA B 42 1.63 19.23 -6.22
CA ALA B 42 0.66 19.79 -5.25
C ALA B 42 -0.66 19.06 -5.28
N ARG B 43 -1.08 18.59 -6.44
CA ARG B 43 -2.34 17.90 -6.57
C ARG B 43 -2.38 16.62 -5.70
N TYR B 44 -1.21 16.06 -5.34
CA TYR B 44 -1.19 14.88 -4.47
C TYR B 44 -1.86 15.17 -3.13
N VAL B 45 -1.54 16.32 -2.53
CA VAL B 45 -2.14 16.69 -1.27
C VAL B 45 -3.62 16.93 -1.40
N GLU B 46 -4.02 17.54 -2.52
N GLU B 46 -4.02 17.52 -2.52
CA GLU B 46 -5.42 17.73 -2.82
CA GLU B 46 -5.40 17.75 -2.75
C GLU B 46 -6.18 16.41 -2.89
C GLU B 46 -6.18 16.42 -2.91
N ALA B 47 -5.56 15.39 -3.47
CA ALA B 47 -6.19 14.05 -3.56
C ALA B 47 -6.41 13.50 -2.16
N ILE B 48 -5.42 13.72 -1.29
CA ILE B 48 -5.56 13.30 0.11
C ILE B 48 -6.73 14.01 0.78
N TYR B 49 -6.79 15.32 0.65
CA TYR B 49 -7.87 16.06 1.26
C TYR B 49 -9.24 15.56 0.74
N ARG B 50 -9.34 15.41 -0.58
CA ARG B 50 -10.61 15.06 -1.20
C ARG B 50 -11.09 13.69 -0.74
N SER B 51 -10.16 12.76 -0.57
CA SER B 51 -10.50 11.42 -0.04
C SER B 51 -10.91 11.52 1.41
N HIS B 52 -10.20 12.28 2.22
CA HIS B 52 -10.59 12.47 3.60
C HIS B 52 -12.03 12.94 3.67
N GLU B 53 -12.31 14.00 2.91
CA GLU B 53 -13.63 14.62 2.99
C GLU B 53 -14.74 13.69 2.48
N ALA B 54 -14.50 13.01 1.38
CA ALA B 54 -15.54 12.19 0.80
C ALA B 54 -15.70 10.79 1.41
N ILE B 55 -14.55 10.20 1.77
CA ILE B 55 -14.50 8.81 2.18
C ILE B 55 -14.29 8.68 3.69
N GLY B 56 -13.43 9.52 4.27
CA GLY B 56 -13.16 9.47 5.72
C GLY B 56 -11.71 9.12 6.00
N PRO B 57 -11.30 9.19 7.26
CA PRO B 57 -9.87 9.08 7.66
C PRO B 57 -9.42 7.62 7.74
N TYR B 58 -9.60 6.84 6.69
CA TYR B 58 -9.22 5.43 6.74
C TYR B 58 -7.73 5.19 6.75
N TYR B 59 -6.96 6.22 6.48
CA TYR B 59 -5.50 6.22 6.52
C TYR B 59 -4.92 6.44 7.92
N VAL B 60 -5.78 6.63 8.92
CA VAL B 60 -5.37 6.59 10.32
C VAL B 60 -5.24 5.12 10.69
N VAL B 61 -4.04 4.68 11.04
N VAL B 61 -4.02 4.74 11.04
CA VAL B 61 -3.75 3.27 11.12
CA VAL B 61 -3.60 3.37 11.12
C VAL B 61 -3.65 2.68 12.50
C VAL B 61 -3.92 2.73 12.44
N GLY B 62 -3.72 3.50 13.51
CA GLY B 62 -3.71 2.99 14.86
C GLY B 62 -3.66 4.15 15.81
N PRO B 63 -3.61 3.88 17.12
CA PRO B 63 -3.74 4.96 18.08
C PRO B 63 -2.67 6.00 17.90
N GLY B 64 -3.09 7.23 17.61
CA GLY B 64 -2.17 8.30 17.41
C GLY B 64 -1.44 8.41 16.09
N ILE B 65 -1.69 7.50 15.15
CA ILE B 65 -0.82 7.39 13.96
C ILE B 65 -1.64 7.47 12.72
N ALA B 66 -1.24 8.41 11.82
CA ALA B 66 -1.84 8.52 10.48
C ALA B 66 -0.77 8.31 9.41
N MSE B 67 -1.15 7.72 8.29
CA MSE B 67 -0.28 7.53 7.13
C MSE B 67 -0.96 8.16 5.90
O MSE B 67 -1.50 7.42 5.07
CB MSE B 67 0.03 6.07 6.90
CG MSE B 67 1.11 5.85 5.85
SE MSE B 67 1.43 3.99 5.42
CE MSE B 67 -0.21 3.63 4.51
N PRO B 68 -0.96 9.49 5.78
CA PRO B 68 -1.62 10.10 4.65
C PRO B 68 -0.90 9.68 3.34
N HIS B 69 -1.69 9.40 2.32
CA HIS B 69 -1.17 8.94 1.05
C HIS B 69 -2.30 9.00 0.03
N ALA B 70 -1.94 8.93 -1.25
CA ALA B 70 -2.90 8.75 -2.31
C ALA B 70 -2.21 7.88 -3.39
N ARG B 71 -2.77 7.81 -4.57
CA ARG B 71 -2.30 6.87 -5.57
C ARG B 71 -1.07 7.39 -6.27
N PRO B 72 -0.27 6.47 -6.87
CA PRO B 72 0.82 6.89 -7.78
C PRO B 72 0.31 7.86 -8.85
N GLU B 73 -0.88 7.69 -9.39
CA GLU B 73 -1.38 8.55 -10.43
C GLU B 73 -1.88 9.91 -9.92
N ASP B 74 -1.91 10.11 -8.63
CA ASP B 74 -2.38 11.35 -8.03
C ASP B 74 -1.27 12.38 -7.86
N GLY B 75 -0.14 12.21 -8.54
CA GLY B 75 0.92 13.18 -8.60
C GLY B 75 2.23 12.85 -7.94
N VAL B 76 2.54 11.57 -7.77
CA VAL B 76 3.83 11.17 -7.21
C VAL B 76 4.89 11.21 -8.30
N ASN B 77 6.01 11.88 -8.03
CA ASN B 77 7.15 11.89 -8.93
C ASN B 77 8.23 10.89 -8.55
N ARG B 78 8.47 10.66 -7.25
CA ARG B 78 9.49 9.69 -6.81
C ARG B 78 9.12 9.20 -5.42
N LEU B 79 9.64 8.04 -5.08
CA LEU B 79 9.51 7.47 -3.74
C LEU B 79 9.94 8.47 -2.71
N SER B 80 9.08 8.75 -1.74
CA SER B 80 9.34 9.77 -0.76
C SER B 80 8.45 9.55 0.47
N LEU B 81 8.96 9.98 1.61
CA LEU B 81 8.25 9.97 2.87
C LEU B 81 8.46 11.32 3.57
N ALA B 82 7.54 11.69 4.42
CA ALA B 82 7.71 12.84 5.31
C ALA B 82 7.12 12.45 6.66
N LEU B 83 7.60 13.04 7.72
CA LEU B 83 7.19 12.67 9.06
C LEU B 83 7.00 13.95 9.88
N THR B 84 5.81 14.09 10.46
CA THR B 84 5.48 15.18 11.36
C THR B 84 4.94 14.65 12.67
N VAL B 85 5.40 15.29 13.75
CA VAL B 85 4.83 15.09 15.07
C VAL B 85 4.15 16.38 15.52
N ILE B 86 2.90 16.22 15.96
CA ILE B 86 2.12 17.35 16.46
C ILE B 86 1.98 17.09 17.93
N THR B 87 2.75 17.86 18.69
CA THR B 87 2.92 17.56 20.07
C THR B 87 1.64 17.76 20.85
N GLU B 88 0.79 18.70 20.44
CA GLU B 88 -0.54 18.89 21.09
C GLU B 88 -1.65 17.82 20.64
N GLY B 89 -1.40 16.98 19.61
CA GLY B 89 -2.41 16.09 18.95
C GLY B 89 -3.46 16.83 18.14
N VAL B 90 -3.99 16.19 17.12
CA VAL B 90 -5.00 16.75 16.24
C VAL B 90 -6.06 15.66 16.00
N THR B 91 -7.32 16.10 16.01
CA THR B 91 -8.44 15.19 15.79
C THR B 91 -8.67 15.01 14.29
N PHE B 92 -8.76 13.77 13.86
CA PHE B 92 -9.08 13.41 12.50
C PHE B 92 -10.50 12.84 12.34
N ASN B 93 -11.27 12.83 13.43
N ASN B 93 -11.27 12.71 13.41
CA ASN B 93 -12.52 12.05 13.59
CA ASN B 93 -12.57 12.07 13.31
C ASN B 93 -12.37 10.61 13.12
C ASN B 93 -12.38 10.57 13.06
N ALA B 94 -11.35 10.01 13.69
CA ALA B 94 -10.92 8.62 13.47
C ALA B 94 -11.25 7.83 14.73
N GLU B 95 -12.41 8.10 15.35
CA GLU B 95 -12.90 7.26 16.42
C GLU B 95 -11.89 7.16 17.57
N GLY B 96 -11.57 5.95 18.02
CA GLY B 96 -10.67 5.82 19.19
C GLY B 96 -9.22 6.04 18.88
N ASN B 97 -8.84 6.17 17.58
CA ASN B 97 -7.46 6.42 17.21
C ASN B 97 -7.06 7.87 17.42
N ASP B 98 -8.02 8.77 17.65
CA ASP B 98 -7.70 10.14 17.94
C ASP B 98 -7.26 10.27 19.38
N PRO B 99 -6.50 11.35 19.69
CA PRO B 99 -5.93 12.30 18.74
C PRO B 99 -4.72 11.70 17.99
N VAL B 100 -4.51 12.19 16.77
CA VAL B 100 -3.34 11.84 15.98
C VAL B 100 -2.18 12.75 16.38
N LYS B 101 -1.02 12.11 16.62
CA LYS B 101 0.19 12.85 16.94
C LYS B 101 1.33 12.58 15.99
N LEU B 102 1.31 11.48 15.27
CA LEU B 102 2.36 11.13 14.33
C LEU B 102 1.74 10.99 12.97
N LEU B 103 2.31 11.65 11.98
CA LEU B 103 1.91 11.51 10.59
C LEU B 103 3.11 11.12 9.78
N ILE B 104 3.01 10.04 9.03
CA ILE B 104 4.04 9.67 8.07
C ILE B 104 3.39 9.63 6.69
N VAL B 105 3.74 10.61 5.87
CA VAL B 105 3.21 10.66 4.50
C VAL B 105 4.00 9.71 3.65
N LEU B 106 3.32 8.91 2.87
CA LEU B 106 3.91 8.01 1.90
C LEU B 106 3.57 8.45 0.50
N ALA B 107 4.55 8.37 -0.38
CA ALA B 107 4.35 8.61 -1.80
C ALA B 107 5.25 7.66 -2.57
N ALA B 108 4.63 6.83 -3.40
CA ALA B 108 5.33 5.87 -4.22
C ALA B 108 4.77 5.91 -5.64
N THR B 109 5.61 5.60 -6.60
CA THR B 109 5.21 5.56 -8.00
C THR B 109 4.80 4.19 -8.47
N ASP B 110 5.10 3.13 -7.75
CA ASP B 110 4.86 1.78 -8.20
C ASP B 110 4.72 0.84 -7.01
N SER B 111 4.38 -0.41 -7.28
N SER B 111 4.40 -0.40 -7.31
CA SER B 111 4.13 -1.33 -6.21
CA SER B 111 4.15 -1.39 -6.28
C SER B 111 5.39 -1.90 -5.59
C SER B 111 5.39 -1.88 -5.60
N ASN B 112 6.49 -2.06 -6.33
CA ASN B 112 7.68 -2.62 -5.69
C ASN B 112 8.12 -1.69 -4.53
N SER B 113 8.19 -0.39 -4.81
CA SER B 113 8.63 0.57 -3.84
C SER B 113 7.61 0.77 -2.75
N HIS B 114 6.32 0.75 -3.10
CA HIS B 114 5.28 0.81 -2.10
C HIS B 114 5.40 -0.33 -1.09
N ILE B 115 5.53 -1.54 -1.60
CA ILE B 115 5.59 -2.72 -0.74
C ILE B 115 6.79 -2.65 0.19
N GLU B 116 7.94 -2.21 -0.34
CA GLU B 116 9.13 -2.12 0.50
C GLU B 116 8.95 -1.08 1.60
N ALA B 117 8.46 0.11 1.24
CA ALA B 117 8.23 1.17 2.22
C ALA B 117 7.22 0.74 3.29
N ILE B 118 6.10 0.19 2.86
CA ILE B 118 5.09 -0.29 3.80
C ILE B 118 5.63 -1.36 4.72
N SER B 119 6.41 -2.30 4.18
N SER B 119 6.41 -2.30 4.18
CA SER B 119 6.98 -3.37 5.01
CA SER B 119 6.95 -3.35 5.02
C SER B 119 7.80 -2.77 6.18
C SER B 119 7.81 -2.79 6.17
N GLN B 120 8.57 -1.74 5.90
CA GLN B 120 9.37 -1.06 6.93
C GLN B 120 8.52 -0.28 7.90
N LEU B 121 7.54 0.45 7.37
CA LEU B 121 6.63 1.20 8.21
C LEU B 121 5.82 0.25 9.13
N ALA B 122 5.43 -0.91 8.66
CA ALA B 122 4.71 -1.87 9.47
C ALA B 122 5.54 -2.24 10.67
N GLN B 123 6.82 -2.46 10.45
CA GLN B 123 7.72 -2.81 11.55
C GLN B 123 7.82 -1.64 12.53
N LEU B 124 8.01 -0.44 12.04
CA LEU B 124 8.06 0.72 12.91
C LEU B 124 6.80 0.85 13.77
N PHE B 125 5.64 0.76 13.11
CA PHE B 125 4.35 0.95 13.81
C PHE B 125 4.11 -0.17 14.81
N ASP B 126 4.76 -1.32 14.63
CA ASP B 126 4.63 -2.44 15.53
C ASP B 126 5.66 -2.41 16.65
N THR B 127 6.49 -1.39 16.73
CA THR B 127 7.55 -1.28 17.73
C THR B 127 7.10 -0.17 18.68
N ALA B 128 6.48 -0.54 19.80
CA ALA B 128 5.87 0.43 20.69
C ALA B 128 6.86 1.40 21.24
N SER B 129 8.09 0.97 21.56
CA SER B 129 9.04 1.94 22.13
C SER B 129 9.44 3.01 21.11
N ASP B 130 9.58 2.64 19.85
CA ASP B 130 9.88 3.60 18.81
C ASP B 130 8.68 4.50 18.56
N VAL B 131 7.47 3.94 18.54
CA VAL B 131 6.28 4.77 18.35
C VAL B 131 6.17 5.73 19.54
N GLN B 132 6.42 5.26 20.75
CA GLN B 132 6.33 6.11 21.93
C GLN B 132 7.30 7.28 21.80
N ALA B 133 8.54 6.97 21.40
CA ALA B 133 9.57 7.99 21.27
C ALA B 133 9.17 9.00 20.21
N LEU B 134 8.59 8.55 19.09
CA LEU B 134 8.07 9.48 18.10
C LEU B 134 6.81 10.23 18.58
N LEU B 135 5.79 9.54 19.14
CA LEU B 135 4.56 10.23 19.58
C LEU B 135 4.94 11.30 20.57
N ASN B 136 5.99 11.09 21.36
CA ASN B 136 6.48 12.02 22.36
C ASN B 136 7.61 12.88 21.85
N ALA B 137 7.88 12.94 20.54
CA ALA B 137 9.06 13.70 20.13
C ALA B 137 8.82 15.23 20.23
N LYS B 138 9.87 15.93 20.53
CA LYS B 138 9.90 17.41 20.73
C LYS B 138 10.80 18.08 19.70
N THR B 139 11.73 17.33 19.09
CA THR B 139 12.67 17.91 18.19
C THR B 139 12.88 16.96 16.96
N PRO B 140 13.37 17.50 15.86
CA PRO B 140 13.73 16.58 14.76
C PRO B 140 14.79 15.54 15.15
N GLN B 141 15.69 15.84 16.08
CA GLN B 141 16.69 14.86 16.53
C GLN B 141 16.06 13.68 17.27
N ASP B 142 15.01 13.94 18.08
CA ASP B 142 14.31 12.82 18.70
C ASP B 142 13.92 11.82 17.64
N ILE B 143 13.39 12.35 16.50
CA ILE B 143 12.87 11.56 15.42
C ILE B 143 14.04 10.89 14.69
N LEU B 144 15.06 11.67 14.34
CA LEU B 144 16.20 11.14 13.61
C LEU B 144 16.85 9.99 14.37
N SER B 145 16.90 10.08 15.71
CA SER B 145 17.45 9.00 16.55
C SER B 145 16.68 7.71 16.43
N VAL B 146 15.35 7.79 16.34
CA VAL B 146 14.55 6.57 16.10
C VAL B 146 14.78 6.00 14.71
N ILE B 147 14.68 6.89 13.71
CA ILE B 147 14.77 6.50 12.32
C ILE B 147 16.17 5.98 11.99
N ALA B 148 17.19 6.36 12.76
CA ALA B 148 18.56 5.83 12.56
C ALA B 148 18.62 4.31 12.69
N ARG B 149 17.67 3.69 13.38
CA ARG B 149 17.62 2.23 13.48
C ARG B 149 16.86 1.54 12.35
N TYR B 150 16.44 2.32 11.35
CA TYR B 150 15.73 1.81 10.20
C TYR B 150 16.57 2.17 8.94
S SO4 C . -3.33 -0.82 -23.99
O1 SO4 C . -2.48 -1.90 -23.52
O2 SO4 C . -2.70 -0.08 -25.07
O3 SO4 C . -4.55 -1.49 -24.48
O4 SO4 C . -3.68 -0.04 -22.79
S SO4 D . 1.74 16.04 -13.23
O1 SO4 D . 1.77 14.80 -12.44
O2 SO4 D . 2.99 16.80 -13.12
O3 SO4 D . 1.37 15.70 -14.59
O4 SO4 D . 0.68 16.89 -12.66
C1 GOL E . -13.07 20.36 6.50
C1 GOL E . -13.10 20.38 6.43
O1 GOL E . -12.41 21.58 6.81
O1 GOL E . -13.25 19.56 5.29
C2 GOL E . -14.24 20.15 7.46
C2 GOL E . -14.24 20.19 7.41
O2 GOL E . -14.27 21.27 8.28
O2 GOL E . -14.24 21.28 8.29
C3 GOL E . -14.18 18.80 8.17
C3 GOL E . -14.15 18.85 8.11
O3 GOL E . -13.34 18.74 9.29
O3 GOL E . -13.33 18.87 9.25
#